data_8PYN
#
_entry.id   8PYN
#
_cell.length_a   69.128
_cell.length_b   69.128
_cell.length_c   142.382
_cell.angle_alpha   90.000
_cell.angle_beta   90.000
_cell.angle_gamma   90.000
#
_symmetry.space_group_name_H-M   'P 43 21 2'
#
loop_
_entity.id
_entity.type
_entity.pdbx_description
1 polymer 'Insulin-like growth factor 1 receptor beta chain'
2 non-polymer 5,5-dimethyl-1-(1H-pyrrolo[2,3-b]pyridin-4-ylmethyl)-3-[4-(trifluoromethylsulfonyl)phenyl]imidazolidine-2,4-dione
3 non-polymer 'CADMIUM ION'
4 non-polymer 'NICKEL (II) ION'
5 non-polymer 'ZINC ION'
6 water water
#
_entity_poly.entity_id   1
_entity_poly.type   'polypeptide(L)'
_entity_poly.pdbx_seq_one_letter_code
;MASVNPEYFSAADVYVPDEWEVAREKITMSRELGQGSFGMVYEGVAKGVVKDEPETRVAIKTVNEAASMRERIEFLNEAS
VMKEFNCHHVVRLLGVVSQGQPTLVIMELMTRGDLKSYLRSLRPEMENNPVLAPPSLSKMIQMAGEIADGMAYLNANKFV
HRDLAARNCMVAEDFTVKIGDFGMTRDIYETDYYRKGGKGLLPVRWMSPESLKDGVFTTYSDVWSFGVVLWEIATLAEQP
YQGLSNEQVLRFVMEGGLLDKPDNCPDMLFELMRMCWQYNPKMRPSFLEIISSIKEEMEPGFREVSFYYSEENKAENLYF
Q
;
_entity_poly.pdbx_strand_id   AAA
#
loop_
_chem_comp.id
_chem_comp.type
_chem_comp.name
_chem_comp.formula
CD non-polymer 'CADMIUM ION' 'Cd 2'
ICV non-polymer 5,5-dimethyl-1-(1H-pyrrolo[2,3-b]pyridin-4-ylmethyl)-3-[4-(trifluoromethylsulfonyl)phenyl]imidazolidine-2,4-dione 'C20 H17 F3 N4 O4 S'
NI non-polymer 'NICKEL (II) ION' 'Ni 2'
ZN non-polymer 'ZINC ION' 'Zn 2'
#
# COMPACT_ATOMS: atom_id res chain seq x y z
N VAL A 14 26.18 7.64 4.67
CA VAL A 14 25.84 6.61 5.68
C VAL A 14 24.47 6.96 6.27
N TYR A 15 24.07 6.23 7.31
CA TYR A 15 22.86 6.48 8.12
C TYR A 15 23.35 6.94 9.48
N VAL A 16 22.79 8.05 9.99
CA VAL A 16 23.16 8.64 11.29
C VAL A 16 22.08 8.31 12.32
N PRO A 17 22.36 7.44 13.34
CA PRO A 17 21.36 7.09 14.34
C PRO A 17 20.85 8.29 15.16
N ASP A 18 19.58 8.24 15.57
CA ASP A 18 18.91 9.41 16.17
C ASP A 18 18.00 8.91 17.30
N GLU A 19 17.11 9.79 17.76
CA GLU A 19 16.20 9.49 18.88
C GLU A 19 15.23 8.35 18.51
N TRP A 20 15.01 8.03 17.23
CA TRP A 20 14.16 6.85 16.90
C TRP A 20 14.85 5.51 17.20
N GLU A 21 16.16 5.50 17.46
CA GLU A 21 16.86 4.23 17.77
C GLU A 21 16.18 3.57 18.97
N VAL A 22 15.91 2.27 18.89
CA VAL A 22 15.43 1.42 20.03
C VAL A 22 16.49 0.35 20.31
N ALA A 23 16.74 0.07 21.59
CA ALA A 23 17.63 -1.05 21.97
C ALA A 23 16.98 -2.35 21.50
N ARG A 24 17.81 -3.24 20.92
CA ARG A 24 17.38 -4.51 20.31
C ARG A 24 16.73 -5.42 21.37
N GLU A 25 17.22 -5.42 22.60
CA GLU A 25 16.69 -6.30 23.69
C GLU A 25 15.23 -5.93 24.02
N LYS A 26 14.77 -4.74 23.64
CA LYS A 26 13.37 -4.32 23.91
C LYS A 26 12.44 -4.99 22.88
N ILE A 27 12.99 -5.57 21.80
CA ILE A 27 12.18 -6.14 20.68
C ILE A 27 12.18 -7.68 20.72
N THR A 28 11.00 -8.28 20.66
CA THR A 28 10.83 -9.75 20.54
C THR A 28 10.14 -10.07 19.22
N MET A 29 10.63 -11.08 18.49
CA MET A 29 9.97 -11.57 17.25
C MET A 29 9.12 -12.80 17.58
N SER A 30 7.99 -12.96 16.91
CA SER A 30 7.10 -14.16 16.90
C SER A 30 7.02 -14.62 15.43
N ARG A 31 5.83 -14.82 14.87
CA ARG A 31 5.72 -15.54 13.56
C ARG A 31 6.04 -14.61 12.40
N GLU A 32 6.31 -15.18 11.23
CA GLU A 32 6.65 -14.32 10.07
C GLU A 32 5.37 -13.78 9.42
N LEU A 33 5.49 -12.62 8.79
CA LEU A 33 4.39 -11.98 8.08
C LEU A 33 4.56 -12.18 6.56
N GLY A 34 5.77 -12.33 6.08
CA GLY A 34 6.03 -12.54 4.64
C GLY A 34 7.32 -11.87 4.23
N GLN A 35 7.77 -12.16 3.02
CA GLN A 35 9.05 -11.73 2.43
C GLN A 35 8.94 -10.26 1.97
N GLY A 36 9.76 -9.40 2.59
CA GLY A 36 9.92 -7.99 2.19
C GLY A 36 11.03 -7.80 1.18
N SER A 37 11.16 -6.57 0.72
CA SER A 37 12.09 -6.22 -0.38
C SER A 37 13.51 -6.60 0.04
N PHE A 38 13.84 -6.43 1.32
CA PHE A 38 15.25 -6.55 1.82
C PHE A 38 15.38 -7.72 2.78
N GLY A 39 14.29 -8.38 3.15
CA GLY A 39 14.40 -9.49 4.09
C GLY A 39 13.07 -9.87 4.64
N MET A 40 13.07 -10.82 5.54
CA MET A 40 11.82 -11.35 6.13
C MET A 40 11.24 -10.26 7.02
N VAL A 41 9.92 -10.22 7.08
CA VAL A 41 9.14 -9.34 7.97
C VAL A 41 8.45 -10.25 8.98
N TYR A 42 8.43 -9.85 10.23
CA TYR A 42 7.86 -10.62 11.36
C TYR A 42 6.86 -9.78 12.13
N GLU A 43 6.02 -10.49 12.86
CA GLU A 43 5.18 -9.95 13.95
C GLU A 43 5.99 -10.05 15.25
N GLY A 44 5.68 -9.23 16.24
CA GLY A 44 6.41 -9.27 17.51
C GLY A 44 5.86 -8.30 18.54
N VAL A 45 6.65 -8.08 19.59
CA VAL A 45 6.25 -7.17 20.71
C VAL A 45 7.44 -6.26 21.00
N ALA A 46 7.19 -5.00 21.34
CA ALA A 46 8.23 -3.98 21.63
C ALA A 46 7.92 -3.34 22.98
N LYS A 47 8.94 -3.25 23.86
CA LYS A 47 8.82 -2.56 25.19
C LYS A 47 9.30 -1.08 25.09
N GLY A 48 8.46 -0.13 25.54
CA GLY A 48 8.83 1.29 25.75
C GLY A 48 8.79 2.08 24.45
N VAL A 49 7.82 1.83 23.58
CA VAL A 49 7.79 2.52 22.25
C VAL A 49 6.55 3.43 22.13
N VAL A 50 5.49 3.14 22.89
CA VAL A 50 4.22 3.94 22.95
C VAL A 50 4.08 4.44 24.41
N LYS A 51 3.68 5.71 24.58
CA LYS A 51 3.51 6.39 25.90
C LYS A 51 2.31 5.72 26.60
N ASP A 52 2.44 5.41 27.90
CA ASP A 52 1.41 4.78 28.79
C ASP A 52 1.27 3.29 28.48
N GLU A 53 2.17 2.72 27.65
CA GLU A 53 2.07 1.34 27.13
C GLU A 53 3.37 0.61 27.40
N PRO A 54 3.38 -0.39 28.29
CA PRO A 54 4.59 -1.16 28.57
C PRO A 54 4.95 -2.06 27.38
N GLU A 55 3.97 -2.74 26.78
CA GLU A 55 4.16 -3.64 25.62
C GLU A 55 3.32 -3.14 24.44
N THR A 56 3.88 -3.17 23.23
CA THR A 56 3.18 -2.84 21.98
C THR A 56 3.40 -3.95 20.95
N ARG A 57 2.34 -4.52 20.40
CA ARG A 57 2.42 -5.45 19.25
C ARG A 57 2.94 -4.67 18.05
N VAL A 58 3.88 -5.24 17.31
CA VAL A 58 4.57 -4.52 16.20
C VAL A 58 4.77 -5.44 15.00
N ALA A 59 4.94 -4.79 13.84
CA ALA A 59 5.52 -5.42 12.64
C ALA A 59 6.99 -5.09 12.71
N ILE A 60 7.84 -6.07 12.44
CA ILE A 60 9.31 -5.91 12.41
C ILE A 60 9.82 -6.27 11.03
N LYS A 61 10.40 -5.30 10.37
CA LYS A 61 10.96 -5.41 9.01
C LYS A 61 12.48 -5.62 9.16
N THR A 62 13.07 -6.67 8.56
CA THR A 62 14.50 -7.00 8.73
C THR A 62 15.23 -6.87 7.40
N VAL A 63 16.56 -6.75 7.46
CA VAL A 63 17.50 -6.87 6.33
C VAL A 63 18.20 -8.25 6.43
N ASN A 64 18.24 -8.99 5.33
CA ASN A 64 19.03 -10.24 5.21
C ASN A 64 20.48 -9.99 5.64
N GLU A 65 21.08 -10.90 6.39
CA GLU A 65 22.52 -10.83 6.75
C GLU A 65 23.38 -10.71 5.48
N ALA A 66 22.97 -11.35 4.39
CA ALA A 66 23.73 -11.38 3.12
C ALA A 66 23.82 -9.96 2.54
N ALA A 67 22.74 -9.17 2.63
CA ALA A 67 22.62 -7.84 1.97
C ALA A 67 23.88 -6.99 2.20
N SER A 68 24.18 -6.13 1.22
CA SER A 68 25.31 -5.18 1.18
C SER A 68 25.08 -4.05 2.19
N MET A 69 26.14 -3.36 2.62
CA MET A 69 26.03 -2.17 3.50
C MET A 69 25.26 -1.08 2.74
N ARG A 70 25.44 -1.04 1.41
CA ARG A 70 24.71 -0.15 0.47
C ARG A 70 23.21 -0.38 0.65
N GLU A 71 22.78 -1.64 0.65
CA GLU A 71 21.32 -1.98 0.68
C GLU A 71 20.73 -1.79 2.07
N ARG A 72 21.54 -1.97 3.12
CA ARG A 72 21.13 -1.67 4.51
C ARG A 72 20.76 -0.19 4.62
N ILE A 73 21.60 0.69 4.06
CA ILE A 73 21.44 2.17 4.09
C ILE A 73 20.20 2.55 3.25
N GLU A 74 19.97 1.87 2.14
CA GLU A 74 18.73 2.00 1.35
C GLU A 74 17.50 1.68 2.21
N PHE A 75 17.57 0.60 2.97
CA PHE A 75 16.44 0.20 3.84
C PHE A 75 16.19 1.26 4.94
N LEU A 76 17.24 1.77 5.60
CA LEU A 76 17.12 2.73 6.72
C LEU A 76 16.55 4.07 6.20
N ASN A 77 16.99 4.47 5.02
CA ASN A 77 16.74 5.83 4.47
C ASN A 77 15.31 5.81 3.94
N GLU A 78 14.84 4.64 3.51
CA GLU A 78 13.41 4.38 3.16
C GLU A 78 12.53 4.48 4.43
N ALA A 79 12.95 3.94 5.56
CA ALA A 79 12.19 4.09 6.81
C ALA A 79 12.27 5.51 7.39
N SER A 80 13.38 6.21 7.20
CA SER A 80 13.54 7.60 7.67
C SER A 80 12.47 8.52 7.03
N VAL A 81 11.99 8.20 5.83
CA VAL A 81 10.89 9.01 5.21
C VAL A 81 9.70 9.01 6.18
N MET A 82 9.46 7.87 6.83
CA MET A 82 8.27 7.71 7.69
C MET A 82 8.38 8.59 8.94
N LYS A 83 9.60 8.97 9.35
CA LYS A 83 9.76 9.77 10.58
C LYS A 83 8.97 11.07 10.51
N GLU A 84 8.67 11.55 9.31
CA GLU A 84 8.00 12.85 9.12
C GLU A 84 6.49 12.69 9.27
N PHE A 85 5.97 11.45 9.31
CA PHE A 85 4.52 11.22 9.12
C PHE A 85 3.74 11.26 10.43
N ASN A 86 2.52 11.78 10.38
CA ASN A 86 1.64 11.91 11.55
C ASN A 86 0.21 11.77 11.05
N CYS A 87 -0.06 10.75 10.26
CA CYS A 87 -1.42 10.49 9.73
C CYS A 87 -1.99 9.17 10.26
N HIS A 88 -3.20 9.17 10.87
CA HIS A 88 -3.72 7.90 11.45
C HIS A 88 -4.17 6.95 10.33
N HIS A 89 -4.11 7.33 9.04
CA HIS A 89 -4.37 6.40 7.91
C HIS A 89 -3.07 6.07 7.11
N VAL A 90 -1.92 6.20 7.77
CA VAL A 90 -0.65 5.67 7.25
C VAL A 90 -0.02 4.87 8.39
N VAL A 91 0.38 3.65 8.09
CA VAL A 91 0.97 2.77 9.10
C VAL A 91 2.12 3.52 9.78
N ARG A 92 2.14 3.56 11.10
CA ARG A 92 3.02 4.44 11.93
C ARG A 92 4.40 3.80 12.20
N LEU A 93 5.50 4.49 11.92
CA LEU A 93 6.83 4.07 12.44
C LEU A 93 6.90 4.19 13.96
N LEU A 94 7.54 3.21 14.61
CA LEU A 94 7.76 3.27 16.07
C LEU A 94 9.22 3.20 16.43
N GLY A 95 10.09 2.66 15.60
CA GLY A 95 11.49 2.54 16.02
C GLY A 95 12.39 2.03 14.91
N VAL A 96 13.68 2.21 15.14
CA VAL A 96 14.77 1.74 14.24
C VAL A 96 15.81 1.01 15.11
N VAL A 97 16.37 -0.09 14.59
CA VAL A 97 17.55 -0.78 15.19
C VAL A 97 18.64 -0.82 14.13
N SER A 98 19.57 0.14 14.18
CA SER A 98 20.64 0.32 13.17
C SER A 98 21.95 -0.26 13.72
N GLN A 99 22.01 -0.52 15.03
CA GLN A 99 23.23 -0.99 15.75
C GLN A 99 23.18 -2.52 15.76
N GLY A 100 24.18 -3.17 15.15
CA GLY A 100 24.27 -4.64 15.06
C GLY A 100 23.25 -5.25 14.10
N GLN A 101 23.28 -6.57 14.01
CA GLN A 101 22.63 -7.40 12.98
C GLN A 101 21.54 -8.22 13.65
N PRO A 102 20.37 -8.47 13.02
CA PRO A 102 19.97 -7.82 11.77
C PRO A 102 19.49 -6.37 12.02
N THR A 103 19.60 -5.55 10.97
CA THR A 103 19.01 -4.20 10.94
C THR A 103 17.49 -4.38 10.98
N LEU A 104 16.79 -3.66 11.86
CA LEU A 104 15.31 -3.76 12.04
C LEU A 104 14.68 -2.37 11.88
N VAL A 105 13.44 -2.32 11.39
CA VAL A 105 12.54 -1.19 11.75
C VAL A 105 11.22 -1.76 12.26
N ILE A 106 10.66 -1.12 13.28
CA ILE A 106 9.42 -1.61 13.95
C ILE A 106 8.33 -0.59 13.66
N MET A 107 7.14 -1.11 13.36
CA MET A 107 5.95 -0.31 13.09
C MET A 107 4.76 -0.85 13.88
N GLU A 108 3.71 -0.03 13.86
CA GLU A 108 2.36 -0.38 14.38
C GLU A 108 1.92 -1.68 13.66
N LEU A 109 1.37 -2.65 14.39
CA LEU A 109 0.93 -3.92 13.78
C LEU A 109 -0.52 -3.74 13.40
N MET A 110 -0.83 -4.04 12.16
CA MET A 110 -2.17 -4.06 11.57
C MET A 110 -2.65 -5.53 11.67
N THR A 111 -3.38 -5.86 12.73
CA THR A 111 -3.73 -7.24 13.13
C THR A 111 -4.50 -7.98 12.06
N ARG A 112 -5.28 -7.35 11.21
CA ARG A 112 -6.06 -8.06 10.18
C ARG A 112 -5.32 -8.14 8.85
N GLY A 113 -4.06 -7.70 8.76
CA GLY A 113 -3.29 -7.96 7.53
C GLY A 113 -3.65 -7.07 6.36
N ASP A 114 -3.37 -7.50 5.14
CA ASP A 114 -3.49 -6.60 3.99
C ASP A 114 -4.95 -6.70 3.49
N LEU A 115 -5.40 -5.66 2.86
CA LEU A 115 -6.82 -5.47 2.42
C LEU A 115 -7.18 -6.50 1.34
N LYS A 116 -6.22 -6.90 0.50
CA LYS A 116 -6.48 -7.91 -0.52
C LYS A 116 -6.90 -9.20 0.22
N SER A 117 -6.08 -9.62 1.19
CA SER A 117 -6.34 -10.83 2.00
C SER A 117 -7.69 -10.69 2.70
N TYR A 118 -7.97 -9.54 3.29
CA TYR A 118 -9.23 -9.32 4.03
C TYR A 118 -10.40 -9.42 3.06
N LEU A 119 -10.32 -8.76 1.89
CA LEU A 119 -11.42 -8.84 0.90
C LEU A 119 -11.64 -10.29 0.44
N ARG A 120 -10.58 -11.05 0.16
CA ARG A 120 -10.69 -12.47 -0.28
CA ARG A 120 -10.80 -12.44 -0.34
C ARG A 120 -11.46 -13.25 0.79
N SER A 121 -11.19 -12.93 2.05
CA SER A 121 -11.83 -13.61 3.20
C SER A 121 -13.35 -13.38 3.20
N LEU A 122 -13.88 -12.33 2.58
CA LEU A 122 -15.32 -12.01 2.64
C LEU A 122 -16.07 -12.86 1.62
N ARG A 123 -15.39 -13.58 0.74
CA ARG A 123 -16.08 -14.19 -0.42
C ARG A 123 -17.13 -15.20 0.12
N PRO A 134 -20.84 -9.37 0.93
CA PRO A 134 -21.86 -8.63 0.16
C PRO A 134 -21.89 -7.16 0.55
N PRO A 135 -20.70 -6.52 0.83
CA PRO A 135 -20.62 -5.21 1.52
C PRO A 135 -21.60 -4.15 1.00
N SER A 136 -22.06 -3.34 1.96
CA SER A 136 -22.93 -2.17 1.71
C SER A 136 -22.16 -1.09 0.97
N LEU A 137 -22.86 -0.26 0.20
CA LEU A 137 -22.20 0.95 -0.30
C LEU A 137 -21.48 1.58 0.92
N SER A 138 -22.11 1.58 2.09
CA SER A 138 -21.63 2.30 3.29
C SER A 138 -20.25 1.82 3.69
N LYS A 139 -20.08 0.51 3.82
CA LYS A 139 -18.78 -0.06 4.27
C LYS A 139 -17.75 0.19 3.16
N MET A 140 -18.13 0.07 1.89
CA MET A 140 -17.18 0.21 0.75
C MET A 140 -16.70 1.67 0.66
N ILE A 141 -17.61 2.62 0.83
CA ILE A 141 -17.28 4.07 0.78
C ILE A 141 -16.47 4.48 2.01
N GLN A 142 -16.78 3.95 3.17
CA GLN A 142 -15.95 4.15 4.38
CA GLN A 142 -15.97 4.16 4.38
C GLN A 142 -14.51 3.71 4.10
N MET A 143 -14.31 2.49 3.59
CA MET A 143 -12.92 2.04 3.30
C MET A 143 -12.28 2.99 2.29
N ALA A 144 -13.03 3.30 1.21
CA ALA A 144 -12.52 4.20 0.15
C ALA A 144 -12.04 5.49 0.80
N GLY A 145 -12.82 6.04 1.75
CA GLY A 145 -12.48 7.34 2.34
C GLY A 145 -11.23 7.21 3.20
N GLU A 146 -11.09 6.08 3.87
CA GLU A 146 -9.89 5.86 4.77
C GLU A 146 -8.63 5.82 3.92
N ILE A 147 -8.67 5.05 2.85
CA ILE A 147 -7.55 4.98 1.89
C ILE A 147 -7.26 6.36 1.33
N ALA A 148 -8.26 7.08 0.86
CA ALA A 148 -8.04 8.43 0.28
C ALA A 148 -7.45 9.40 1.31
N ASP A 149 -7.81 9.29 2.59
CA ASP A 149 -7.26 10.11 3.69
C ASP A 149 -5.73 9.91 3.71
N GLY A 150 -5.29 8.68 3.72
CA GLY A 150 -3.84 8.41 3.85
C GLY A 150 -3.13 8.83 2.59
N MET A 151 -3.75 8.62 1.42
CA MET A 151 -3.09 8.98 0.12
C MET A 151 -3.04 10.51 -0.02
N ALA A 152 -4.03 11.27 0.43
CA ALA A 152 -4.01 12.75 0.35
C ALA A 152 -2.84 13.24 1.20
N TYR A 153 -2.71 12.65 2.39
CA TYR A 153 -1.60 13.03 3.29
C TYR A 153 -0.26 12.74 2.63
N LEU A 154 -0.09 11.52 2.14
CA LEU A 154 1.23 11.17 1.53
C LEU A 154 1.52 12.15 0.37
N ASN A 155 0.51 12.36 -0.49
CA ASN A 155 0.80 13.18 -1.69
C ASN A 155 1.07 14.61 -1.24
N ALA A 156 0.48 15.10 -0.15
CA ALA A 156 0.78 16.44 0.38
C ALA A 156 2.24 16.52 0.92
N ASN A 157 2.86 15.41 1.23
CA ASN A 157 4.22 15.32 1.76
C ASN A 157 5.19 14.86 0.69
N LYS A 158 4.84 15.09 -0.55
CA LYS A 158 5.69 14.79 -1.74
C LYS A 158 5.96 13.29 -1.85
N PHE A 159 5.06 12.40 -1.39
CA PHE A 159 5.31 10.98 -1.43
C PHE A 159 4.36 10.49 -2.51
N VAL A 160 4.93 9.87 -3.53
CA VAL A 160 4.17 9.13 -4.58
C VAL A 160 4.37 7.65 -4.29
N HIS A 161 3.29 6.89 -4.10
CA HIS A 161 3.41 5.53 -3.56
C HIS A 161 3.95 4.55 -4.62
N ARG A 162 3.45 4.68 -5.83
CA ARG A 162 3.86 3.89 -7.04
C ARG A 162 3.30 2.45 -6.99
N ASP A 163 2.79 1.92 -5.86
CA ASP A 163 2.27 0.53 -5.80
C ASP A 163 1.01 0.52 -4.93
N LEU A 164 0.15 1.51 -5.12
CA LEU A 164 -1.10 1.52 -4.37
C LEU A 164 -1.98 0.40 -4.96
N ALA A 165 -2.50 -0.45 -4.06
CA ALA A 165 -3.25 -1.66 -4.40
C ALA A 165 -3.84 -2.15 -3.10
N ALA A 166 -4.88 -2.99 -3.13
CA ALA A 166 -5.45 -3.51 -1.87
C ALA A 166 -4.37 -4.24 -1.10
N ARG A 167 -3.46 -4.96 -1.77
CA ARG A 167 -2.43 -5.77 -1.09
C ARG A 167 -1.44 -4.90 -0.30
N ASN A 168 -1.39 -3.60 -0.58
CA ASN A 168 -0.51 -2.68 0.17
C ASN A 168 -1.30 -1.81 1.14
N CYS A 169 -2.61 -1.94 1.19
CA CYS A 169 -3.44 -1.34 2.26
C CYS A 169 -3.54 -2.34 3.42
N MET A 170 -3.59 -1.86 4.64
CA MET A 170 -3.51 -2.68 5.85
C MET A 170 -4.76 -2.43 6.70
N VAL A 171 -5.20 -3.46 7.42
CA VAL A 171 -6.48 -3.46 8.15
C VAL A 171 -6.20 -3.66 9.63
N ALA A 172 -6.70 -2.73 10.44
CA ALA A 172 -6.55 -2.79 11.91
C ALA A 172 -7.57 -3.75 12.51
N GLU A 173 -7.39 -4.01 13.79
CA GLU A 173 -8.34 -4.78 14.62
C GLU A 173 -9.76 -4.23 14.47
N ASP A 174 -9.89 -2.91 14.53
CA ASP A 174 -11.20 -2.23 14.42
C ASP A 174 -11.67 -2.08 12.97
N PHE A 175 -10.96 -2.62 11.95
CA PHE A 175 -11.35 -2.65 10.52
C PHE A 175 -11.02 -1.31 9.83
N THR A 176 -10.38 -0.40 10.53
CA THR A 176 -9.80 0.83 9.92
C THR A 176 -8.75 0.41 8.86
N VAL A 177 -8.73 1.08 7.77
CA VAL A 177 -7.74 0.82 6.69
C VAL A 177 -6.70 1.95 6.68
N LYS A 178 -5.47 1.53 6.53
CA LYS A 178 -4.28 2.44 6.47
C LYS A 178 -3.41 2.07 5.28
N ILE A 179 -2.71 3.07 4.78
CA ILE A 179 -1.77 2.85 3.65
C ILE A 179 -0.50 2.22 4.24
N GLY A 180 -0.04 1.15 3.59
CA GLY A 180 1.26 0.56 3.88
C GLY A 180 1.99 0.25 2.60
N ASP A 181 2.95 -0.67 2.72
CA ASP A 181 3.72 -1.14 1.58
C ASP A 181 4.49 -2.38 1.98
N PHE A 182 4.21 -3.49 1.31
CA PHE A 182 4.86 -4.76 1.59
C PHE A 182 5.83 -5.06 0.46
N GLY A 183 6.16 -4.12 -0.41
CA GLY A 183 7.06 -4.42 -1.52
C GLY A 183 6.45 -5.45 -2.47
N MET A 184 7.26 -5.98 -3.37
CA MET A 184 6.73 -6.65 -4.60
C MET A 184 7.09 -8.12 -4.52
N THR A 185 7.67 -8.60 -3.43
CA THR A 185 8.35 -9.93 -3.47
C THR A 185 7.57 -10.99 -2.69
N ARG A 186 6.41 -10.72 -2.10
CA ARG A 186 5.71 -11.85 -1.43
C ARG A 186 5.28 -12.87 -2.48
N ASP A 187 5.52 -14.14 -2.20
CA ASP A 187 5.05 -15.26 -3.06
C ASP A 187 3.55 -15.16 -3.27
N ILE A 188 2.73 -14.80 -2.26
CA ILE A 188 1.25 -14.90 -2.41
C ILE A 188 0.76 -14.00 -3.55
N TYR A 189 1.44 -12.89 -3.85
CA TYR A 189 0.93 -11.95 -4.86
C TYR A 189 1.83 -11.94 -6.09
N GLU A 190 2.53 -13.04 -6.35
CA GLU A 190 3.38 -13.20 -7.56
C GLU A 190 2.56 -12.83 -8.80
N THR A 191 1.29 -13.13 -8.88
CA THR A 191 0.56 -12.91 -10.17
C THR A 191 0.29 -11.43 -10.39
N ASP A 192 0.51 -10.56 -9.37
CA ASP A 192 0.22 -9.13 -9.45
C ASP A 192 1.41 -8.34 -10.04
N TYR A 193 2.51 -9.00 -10.35
CA TYR A 193 3.74 -8.31 -10.84
C TYR A 193 4.26 -8.98 -12.10
N TYR A 194 4.78 -8.13 -13.00
CA TYR A 194 5.28 -8.56 -14.32
C TYR A 194 6.70 -8.04 -14.41
N ARG A 195 7.66 -8.88 -14.75
CA ARG A 195 9.04 -8.36 -15.02
C ARG A 195 9.12 -7.84 -16.44
N LYS A 196 8.63 -6.67 -16.68
CA LYS A 196 8.52 -6.15 -18.07
C LYS A 196 9.93 -5.96 -18.60
N GLY A 197 10.23 -6.60 -19.74
CA GLY A 197 11.53 -6.61 -20.43
C GLY A 197 12.59 -7.29 -19.60
N GLY A 198 12.21 -8.10 -18.61
CA GLY A 198 13.22 -8.82 -17.82
C GLY A 198 13.79 -7.95 -16.71
N LYS A 199 13.30 -6.71 -16.58
CA LYS A 199 13.94 -5.71 -15.67
C LYS A 199 13.22 -5.82 -14.33
N GLY A 200 12.82 -4.71 -13.75
CA GLY A 200 12.19 -4.74 -12.43
C GLY A 200 10.76 -5.28 -12.53
N LEU A 201 10.25 -5.77 -11.42
CA LEU A 201 8.85 -6.13 -11.28
C LEU A 201 8.02 -4.87 -11.39
N LEU A 202 6.87 -4.93 -12.09
CA LEU A 202 5.94 -3.82 -12.17
C LEU A 202 4.53 -4.34 -11.91
N PRO A 203 3.76 -3.58 -11.13
CA PRO A 203 2.35 -3.90 -10.91
C PRO A 203 1.45 -3.48 -12.07
N VAL A 204 1.58 -4.11 -13.24
CA VAL A 204 1.09 -3.50 -14.50
C VAL A 204 -0.44 -3.37 -14.49
N ARG A 205 -1.14 -4.25 -13.79
CA ARG A 205 -2.63 -4.19 -13.75
C ARG A 205 -3.19 -3.04 -12.91
N TRP A 206 -2.32 -2.36 -12.17
CA TRP A 206 -2.68 -1.20 -11.32
C TRP A 206 -2.09 0.07 -11.93
N MET A 207 -1.31 0.00 -13.00
CA MET A 207 -0.57 1.15 -13.49
C MET A 207 -1.36 1.99 -14.49
N SER A 208 -1.19 3.32 -14.38
CA SER A 208 -1.77 4.29 -15.35
C SER A 208 -1.21 4.09 -16.73
N PRO A 209 -1.89 4.61 -17.78
CA PRO A 209 -1.36 4.61 -19.14
C PRO A 209 0.06 5.22 -19.21
N GLU A 210 0.26 6.35 -18.54
CA GLU A 210 1.49 7.15 -18.69
C GLU A 210 2.60 6.42 -17.92
N SER A 211 2.24 5.67 -16.90
CA SER A 211 3.23 4.90 -16.08
C SER A 211 3.68 3.72 -16.96
N LEU A 212 2.71 3.07 -17.62
CA LEU A 212 3.02 1.96 -18.55
C LEU A 212 3.87 2.43 -19.72
N LYS A 213 3.56 3.58 -20.28
CA LYS A 213 4.18 4.00 -21.55
C LYS A 213 5.57 4.61 -21.31
N ASP A 214 5.66 5.53 -20.37
CA ASP A 214 6.84 6.42 -20.24
C ASP A 214 7.49 6.28 -18.84
N GLY A 215 6.98 5.44 -17.94
CA GLY A 215 7.49 5.34 -16.56
C GLY A 215 7.32 6.66 -15.80
N VAL A 216 6.19 7.33 -16.02
CA VAL A 216 5.81 8.58 -15.32
C VAL A 216 4.92 8.14 -14.16
N PHE A 217 5.38 8.42 -12.94
CA PHE A 217 4.65 8.13 -11.70
C PHE A 217 4.50 9.49 -11.01
N THR A 218 3.28 9.80 -10.63
CA THR A 218 2.83 11.06 -10.06
C THR A 218 1.70 10.82 -9.06
N THR A 219 1.31 11.90 -8.41
CA THR A 219 0.08 11.80 -7.58
C THR A 219 -1.07 11.34 -8.49
N TYR A 220 -1.11 11.81 -9.73
CA TYR A 220 -2.17 11.48 -10.67
C TYR A 220 -2.20 9.99 -11.02
N SER A 221 -1.02 9.34 -11.12
CA SER A 221 -0.94 7.88 -11.33
C SER A 221 -1.32 7.13 -10.05
N ASP A 222 -1.09 7.73 -8.86
CA ASP A 222 -1.58 7.12 -7.61
C ASP A 222 -3.11 7.12 -7.65
N VAL A 223 -3.72 8.17 -8.14
CA VAL A 223 -5.19 8.27 -8.21
C VAL A 223 -5.73 7.21 -9.19
N TRP A 224 -5.07 7.00 -10.32
CA TRP A 224 -5.43 5.87 -11.21
C TRP A 224 -5.51 4.59 -10.38
N SER A 225 -4.42 4.27 -9.65
CA SER A 225 -4.33 3.04 -8.90
C SER A 225 -5.42 2.97 -7.84
N PHE A 226 -5.72 4.09 -7.21
CA PHE A 226 -6.85 4.17 -6.25
C PHE A 226 -8.11 3.65 -6.94
N GLY A 227 -8.39 4.10 -8.15
CA GLY A 227 -9.59 3.63 -8.88
C GLY A 227 -9.56 2.07 -9.03
N VAL A 228 -8.38 1.46 -9.27
CA VAL A 228 -8.25 -0.02 -9.30
C VAL A 228 -8.50 -0.57 -7.90
N VAL A 229 -8.09 0.11 -6.82
CA VAL A 229 -8.36 -0.38 -5.45
C VAL A 229 -9.91 -0.38 -5.26
N LEU A 230 -10.61 0.70 -5.70
CA LEU A 230 -12.10 0.69 -5.61
C LEU A 230 -12.66 -0.50 -6.34
N TRP A 231 -12.12 -0.82 -7.48
CA TRP A 231 -12.62 -2.00 -8.25
C TRP A 231 -12.37 -3.28 -7.45
N GLU A 232 -11.17 -3.38 -6.81
CA GLU A 232 -10.89 -4.52 -5.93
C GLU A 232 -11.93 -4.60 -4.80
N ILE A 233 -12.25 -3.48 -4.15
CA ILE A 233 -13.25 -3.50 -3.05
C ILE A 233 -14.57 -4.05 -3.62
N ALA A 234 -14.91 -3.60 -4.80
CA ALA A 234 -16.26 -3.91 -5.32
C ALA A 234 -16.33 -5.31 -5.92
N THR A 235 -15.20 -5.95 -6.19
CA THR A 235 -15.09 -7.33 -6.69
C THR A 235 -14.63 -8.36 -5.63
N LEU A 236 -14.40 -7.92 -4.43
CA LEU A 236 -13.68 -8.68 -3.37
C LEU A 236 -12.35 -9.22 -3.94
N ALA A 237 -11.62 -8.34 -4.60
CA ALA A 237 -10.21 -8.54 -4.99
C ALA A 237 -10.09 -9.66 -6.00
N GLU A 238 -10.89 -9.57 -7.06
CA GLU A 238 -10.65 -10.30 -8.33
C GLU A 238 -9.35 -9.71 -8.91
N GLN A 239 -8.73 -10.44 -9.82
CA GLN A 239 -7.60 -9.90 -10.64
C GLN A 239 -8.12 -8.92 -11.65
N PRO A 240 -7.61 -7.68 -11.68
CA PRO A 240 -7.97 -6.73 -12.76
C PRO A 240 -7.55 -7.33 -14.13
N TYR A 241 -8.47 -7.21 -15.12
CA TYR A 241 -8.20 -7.65 -16.51
C TYR A 241 -7.95 -9.17 -16.53
N GLN A 242 -8.69 -9.91 -15.74
CA GLN A 242 -8.63 -11.39 -15.75
C GLN A 242 -8.83 -11.88 -17.17
N GLY A 243 -8.08 -12.86 -17.62
CA GLY A 243 -8.21 -13.28 -19.03
C GLY A 243 -7.20 -12.61 -19.94
N LEU A 244 -6.73 -11.41 -19.62
CA LEU A 244 -5.63 -10.77 -20.42
C LEU A 244 -4.29 -11.16 -19.79
N SER A 245 -3.35 -11.47 -20.63
CA SER A 245 -1.92 -11.58 -20.22
C SER A 245 -1.39 -10.19 -19.84
N ASN A 246 -0.17 -10.15 -19.32
CA ASN A 246 0.48 -8.87 -18.95
C ASN A 246 0.69 -8.04 -20.21
N GLU A 247 1.19 -8.63 -21.27
CA GLU A 247 1.41 -7.88 -22.53
C GLU A 247 0.07 -7.36 -23.07
N GLN A 248 -0.99 -8.14 -22.92
CA GLN A 248 -2.32 -7.69 -23.38
C GLN A 248 -2.83 -6.55 -22.50
N VAL A 249 -2.57 -6.58 -21.20
CA VAL A 249 -2.98 -5.48 -20.30
C VAL A 249 -2.27 -4.19 -20.78
N LEU A 250 -0.95 -4.24 -21.02
CA LEU A 250 -0.19 -3.04 -21.45
C LEU A 250 -0.91 -2.44 -22.62
N ARG A 251 -1.09 -3.22 -23.65
CA ARG A 251 -1.69 -2.66 -24.86
C ARG A 251 -3.10 -2.15 -24.54
N PHE A 252 -3.97 -2.93 -23.89
CA PHE A 252 -5.37 -2.57 -23.68
C PHE A 252 -5.43 -1.21 -22.98
N VAL A 253 -4.69 -1.08 -21.89
CA VAL A 253 -4.77 0.14 -21.06
C VAL A 253 -4.12 1.30 -21.83
N MET A 254 -2.98 1.12 -22.50
CA MET A 254 -2.32 2.29 -23.13
C MET A 254 -3.20 2.81 -24.28
N GLU A 255 -4.02 1.95 -24.88
CA GLU A 255 -4.93 2.33 -25.99
C GLU A 255 -6.27 2.84 -25.46
N GLY A 256 -6.47 2.95 -24.15
CA GLY A 256 -7.58 3.66 -23.55
C GLY A 256 -8.67 2.73 -23.06
N GLY A 257 -8.37 1.42 -22.96
CA GLY A 257 -9.31 0.42 -22.41
C GLY A 257 -9.41 0.54 -20.91
N LEU A 258 -10.54 0.09 -20.36
CA LEU A 258 -10.90 0.26 -18.93
C LEU A 258 -11.44 -1.06 -18.40
N LEU A 259 -11.32 -1.23 -17.10
CA LEU A 259 -12.02 -2.30 -16.36
C LEU A 259 -13.51 -2.09 -16.48
N ASP A 260 -14.16 -3.21 -16.59
CA ASP A 260 -15.64 -3.21 -16.67
C ASP A 260 -16.23 -2.80 -15.30
N LYS A 261 -17.43 -2.31 -15.28
CA LYS A 261 -18.15 -2.11 -14.01
C LYS A 261 -18.34 -3.47 -13.33
N PRO A 262 -17.97 -3.62 -12.05
CA PRO A 262 -18.13 -4.86 -11.31
C PRO A 262 -19.59 -5.26 -11.23
N ASP A 263 -19.87 -6.56 -11.23
CA ASP A 263 -21.25 -7.04 -10.99
C ASP A 263 -21.79 -6.45 -9.69
N ASN A 264 -23.04 -6.01 -9.70
CA ASN A 264 -23.68 -5.44 -8.49
C ASN A 264 -23.04 -4.16 -7.98
N CYS A 265 -22.20 -3.50 -8.76
CA CYS A 265 -21.51 -2.29 -8.30
C CYS A 265 -22.50 -1.15 -8.13
N PRO A 266 -22.50 -0.43 -6.99
CA PRO A 266 -23.27 0.80 -6.86
C PRO A 266 -22.79 1.88 -7.84
N ASP A 267 -23.74 2.65 -8.38
CA ASP A 267 -23.49 3.76 -9.32
C ASP A 267 -22.39 4.65 -8.80
N MET A 268 -22.40 4.98 -7.53
CA MET A 268 -21.51 6.02 -6.94
C MET A 268 -20.08 5.53 -7.00
N LEU A 269 -19.87 4.24 -6.70
CA LEU A 269 -18.50 3.71 -6.68
C LEU A 269 -17.99 3.59 -8.11
N PHE A 270 -18.82 3.16 -9.07
CA PHE A 270 -18.30 3.04 -10.44
C PHE A 270 -17.99 4.45 -10.98
N GLU A 271 -18.83 5.42 -10.68
CA GLU A 271 -18.58 6.83 -11.14
C GLU A 271 -17.25 7.33 -10.61
N LEU A 272 -16.95 7.03 -9.36
CA LEU A 272 -15.64 7.38 -8.76
C LEU A 272 -14.50 6.66 -9.47
N MET A 273 -14.65 5.36 -9.80
CA MET A 273 -13.61 4.64 -10.59
C MET A 273 -13.40 5.32 -11.93
N ARG A 274 -14.48 5.65 -12.62
CA ARG A 274 -14.35 6.22 -13.98
C ARG A 274 -13.60 7.54 -13.91
N MET A 275 -13.83 8.34 -12.89
CA MET A 275 -13.11 9.64 -12.73
CA MET A 275 -13.09 9.62 -12.91
C MET A 275 -11.62 9.33 -12.58
N CYS A 276 -11.27 8.32 -11.79
CA CYS A 276 -9.85 8.01 -11.49
C CYS A 276 -9.16 7.49 -12.77
N TRP A 277 -9.93 7.01 -13.74
CA TRP A 277 -9.38 6.37 -14.97
C TRP A 277 -9.48 7.26 -16.19
N GLN A 278 -9.64 8.54 -15.99
CA GLN A 278 -9.51 9.49 -17.12
C GLN A 278 -8.11 9.28 -17.73
N TYR A 279 -8.08 9.23 -19.03
CA TYR A 279 -6.81 8.95 -19.75
C TYR A 279 -5.83 10.09 -19.54
N ASN A 280 -6.33 11.31 -19.59
CA ASN A 280 -5.46 12.49 -19.35
C ASN A 280 -5.31 12.66 -17.84
N PRO A 281 -4.10 12.50 -17.26
CA PRO A 281 -3.95 12.56 -15.83
C PRO A 281 -4.48 13.86 -15.17
N LYS A 282 -4.45 14.96 -15.93
CA LYS A 282 -4.91 16.30 -15.46
C LYS A 282 -6.43 16.30 -15.30
N MET A 283 -7.14 15.34 -15.86
CA MET A 283 -8.61 15.26 -15.74
C MET A 283 -9.07 14.41 -14.55
N ARG A 284 -8.15 13.79 -13.81
CA ARG A 284 -8.50 12.87 -12.70
C ARG A 284 -8.69 13.76 -11.50
N PRO A 285 -9.54 13.40 -10.52
CA PRO A 285 -9.62 14.16 -9.29
C PRO A 285 -8.32 13.93 -8.48
N SER A 286 -8.05 14.88 -7.62
CA SER A 286 -7.02 14.72 -6.58
C SER A 286 -7.61 13.82 -5.47
N PHE A 287 -6.80 13.37 -4.53
CA PHE A 287 -7.33 12.66 -3.36
C PHE A 287 -8.15 13.64 -2.50
N LEU A 288 -7.77 14.91 -2.43
CA LEU A 288 -8.58 15.89 -1.66
C LEU A 288 -9.98 15.97 -2.27
N GLU A 289 -10.09 16.01 -3.60
CA GLU A 289 -11.40 16.09 -4.28
C GLU A 289 -12.18 14.79 -4.04
N ILE A 290 -11.50 13.65 -4.04
CA ILE A 290 -12.19 12.36 -3.73
C ILE A 290 -12.76 12.42 -2.31
N ILE A 291 -11.98 12.89 -1.37
CA ILE A 291 -12.44 12.90 0.05
C ILE A 291 -13.69 13.81 0.07
N SER A 292 -13.69 14.95 -0.62
CA SER A 292 -14.84 15.89 -0.57
C SER A 292 -16.07 15.20 -1.11
N SER A 293 -15.96 14.58 -2.28
CA SER A 293 -17.13 13.95 -2.89
C SER A 293 -17.63 12.76 -2.04
N ILE A 294 -16.76 12.02 -1.35
CA ILE A 294 -17.20 10.96 -0.39
C ILE A 294 -17.86 11.61 0.83
N LYS A 295 -17.40 12.78 1.27
CA LYS A 295 -18.00 13.49 2.44
C LYS A 295 -19.40 14.02 2.05
N GLU A 296 -19.61 14.48 0.81
CA GLU A 296 -20.95 14.82 0.22
C GLU A 296 -21.70 13.53 -0.23
N GLU A 297 -21.86 12.59 0.69
CA GLU A 297 -22.69 11.36 0.57
C GLU A 297 -22.84 10.89 2.02
N MET A 298 -21.75 10.44 2.65
CA MET A 298 -21.55 10.39 4.14
C MET A 298 -22.56 9.43 4.78
C1 ICV B . 1.78 -5.62 8.08
C2 ICV B . 1.14 -5.63 9.29
C7 ICV B . 2.71 -3.53 8.57
C8 ICV B . 2.03 -3.59 9.76
C10 ICV B . 5.79 -3.66 6.41
C11 ICV B . 6.27 -2.21 6.12
C13 ICV B . 4.10 -2.21 5.81
C15 ICV B . 5.24 -0.11 5.44
C16 ICV B . 6.35 -4.68 5.41
C20 ICV B . 3.30 -4.51 6.34
C21 ICV B . 6.13 0.40 4.52
C22 ICV B . 6.12 1.70 4.13
C24 ICV B . 4.28 2.12 5.65
C27 ICV B . 3.75 4.25 2.92
F28 ICV B . 2.67 3.80 3.48
F29 ICV B . 3.54 5.48 2.54
F30 ICV B . 4.09 3.52 1.89
S26 ICV B . 5.10 4.24 4.24
O31 ICV B . 4.64 5.09 5.28
O32 ICV B . 6.25 4.63 3.50
C23 ICV B . 5.17 2.58 4.70
C25 ICV B . 4.33 0.79 6.01
N12 ICV B . 5.22 -1.43 5.78
O19 ICV B . 2.97 -1.85 5.55
O18 ICV B . 7.42 -1.80 6.04
C17 ICV B . 6.01 -4.02 7.92
N14 ICV B . 4.34 -3.50 6.19
C6 ICV B . 2.62 -4.57 7.68
N9 ICV B . 1.25 -4.62 10.11
C5 ICV B . 1.48 -6.85 7.30
C4 ICV B . 0.50 -7.56 8.22
N3 ICV B . 0.43 -6.74 9.43
CD CD C . 3.97 -19.80 -7.66
NI NI D . -9.90 8.31 10.10
ZN ZN E . 19.66 -1.40 -4.16
#